data_8DOF
#
_entry.id   8DOF
#
_cell.length_a   76.210
_cell.length_b   76.210
_cell.length_c   132.680
_cell.angle_alpha   90.000
_cell.angle_beta   90.000
_cell.angle_gamma   90.000
#
_symmetry.space_group_name_H-M   'P 42 2 2'
#
loop_
_entity.id
_entity.type
_entity.pdbx_description
1 polymer 'UDP-N-acetylmuramate--L-alanine ligase'
2 non-polymer 1,2-ETHANEDIOL
3 non-polymer (2R)-2-cyclohexyl-2-[(4-{[5-(propan-2-yl)-1H-pyrazol-3-yl]amino}-1H-pyrazolo[3,4-d]pyrimidin-6-yl)amino]ethan-1-ol
4 non-polymer 'SULFATE ION'
5 water water
#
_entity_poly.entity_id   1
_entity_poly.type   'polypeptide(L)'
_entity_poly.pdbx_seq_one_letter_code
;MVKEPNGVTRTMRRIRRIHFVGIGGAGMCGIAEVLLNLGYEVSGSDLKASAVTERLEKFGAQIFIGHQAENADGADVLVV
SSAINRANPEVASALERRIPVVPRAEMLAELMRYRHGIAVAGTHGKTTTTSLIASVFAAGGLDPTFVIGGRLNAAGTNAQ
LGASRYLVAEADESDASFLHLQPMVAVVTNIDADHMATYGGDFNKLKKTFVEFLHNLPFYGLAVMCVDDPVVREILPQIA
RPTVTYGLSEDADVRAINIRQEGMRTWFTVLRPEREPLDVSVNMPGLHNVLNSLATIVIATDEGISDEAIVQGLSGFQGV
GRRFQVYGELQVEGGSVMLVDDYGHHPREVAAVIKAIRGGWPERRLVMVYQPHRYTRTRDLYEDFVQVLGEANVLLLMEV
YPAGEEPIPGADSRQLCHSIRQRGQLDPIYFERDADLAPLVKPLLRAGDILLCQGAGDVGGLAPQLIKNPLFAGKGGKGA
;
_entity_poly.pdbx_strand_id   A
#
loop_
_chem_comp.id
_chem_comp.type
_chem_comp.name
_chem_comp.formula
EDO non-polymer 1,2-ETHANEDIOL 'C2 H6 O2'
SO4 non-polymer 'SULFATE ION' 'O4 S -2'
T4L non-polymer (2R)-2-cyclohexyl-2-[(4-{[5-(propan-2-yl)-1H-pyrazol-3-yl]amino}-1H-pyrazolo[3,4-d]pyrimidin-6-yl)amino]ethan-1-ol 'C19 H28 N8 O'
#
# COMPACT_ATOMS: atom_id res chain seq x y z
N ILE A 15 -21.33 12.23 4.76
CA ILE A 15 -20.52 13.43 4.53
C ILE A 15 -19.86 13.35 3.14
N ARG A 16 -20.48 14.02 2.15
CA ARG A 16 -20.24 13.72 0.75
C ARG A 16 -19.14 14.53 0.07
N ARG A 17 -18.85 15.77 0.50
CA ARG A 17 -17.99 16.69 -0.27
C ARG A 17 -16.61 16.88 0.35
N ILE A 18 -15.56 16.63 -0.43
CA ILE A 18 -14.17 16.64 0.02
C ILE A 18 -13.39 17.66 -0.80
N HIS A 19 -12.65 18.53 -0.12
CA HIS A 19 -11.93 19.62 -0.77
C HIS A 19 -10.43 19.50 -0.50
N PHE A 20 -9.62 19.48 -1.56
CA PHE A 20 -8.16 19.38 -1.48
C PHE A 20 -7.52 20.74 -1.71
N VAL A 21 -6.75 21.23 -0.74
CA VAL A 21 -5.95 22.43 -0.96
C VAL A 21 -4.60 22.03 -1.56
N GLY A 22 -4.26 22.61 -2.71
CA GLY A 22 -3.11 22.15 -3.47
C GLY A 22 -3.36 20.83 -4.17
N ILE A 23 -4.52 20.70 -4.81
CA ILE A 23 -4.95 19.44 -5.43
C ILE A 23 -4.08 19.01 -6.60
N GLY A 24 -3.28 19.90 -7.16
CA GLY A 24 -2.37 19.52 -8.23
C GLY A 24 -1.08 18.84 -7.79
N GLY A 25 -0.78 18.84 -6.49
CA GLY A 25 0.37 18.10 -5.99
C GLY A 25 0.38 16.66 -6.47
N ALA A 26 1.55 16.05 -6.59
CA ALA A 26 1.60 14.69 -7.15
C ALA A 26 1.11 13.65 -6.15
N GLY A 27 1.25 13.92 -4.85
CA GLY A 27 0.66 13.09 -3.82
C GLY A 27 -0.83 13.29 -3.59
N MET A 28 -1.44 14.34 -4.15
CA MET A 28 -2.83 14.72 -3.90
C MET A 28 -3.78 14.33 -5.01
N CYS A 29 -3.37 14.43 -6.27
CA CYS A 29 -4.30 14.19 -7.38
C CYS A 29 -4.78 12.74 -7.39
N GLY A 30 -3.88 11.80 -7.12
CA GLY A 30 -4.28 10.40 -7.06
C GLY A 30 -5.40 10.15 -6.07
N ILE A 31 -5.31 10.75 -4.88
CA ILE A 31 -6.32 10.52 -3.86
C ILE A 31 -7.65 11.09 -4.31
N ALA A 32 -7.64 12.28 -4.90
CA ALA A 32 -8.89 12.87 -5.39
C ALA A 32 -9.51 11.99 -6.47
N GLU A 33 -8.68 11.51 -7.41
CA GLU A 33 -9.17 10.62 -8.45
C GLU A 33 -9.84 9.38 -7.85
N VAL A 34 -9.22 8.75 -6.86
CA VAL A 34 -9.87 7.60 -6.24
C VAL A 34 -11.19 8.02 -5.61
N LEU A 35 -11.22 9.18 -4.95
CA LEU A 35 -12.46 9.59 -4.30
C LEU A 35 -13.56 9.85 -5.32
N LEU A 36 -13.20 10.47 -6.45
CA LEU A 36 -14.14 10.59 -7.56
C LEU A 36 -14.65 9.22 -7.99
N ASN A 37 -13.75 8.25 -8.06
CA ASN A 37 -14.16 6.91 -8.48
C ASN A 37 -15.07 6.24 -7.47
N LEU A 38 -14.99 6.62 -6.20
CA LEU A 38 -15.88 6.06 -5.17
C LEU A 38 -17.23 6.77 -5.13
N GLY A 39 -17.45 7.77 -5.98
CA GLY A 39 -18.70 8.50 -6.02
C GLY A 39 -18.82 9.69 -5.10
N TYR A 40 -17.72 10.18 -4.52
CA TYR A 40 -17.79 11.38 -3.71
C TYR A 40 -17.76 12.63 -4.57
N GLU A 41 -18.42 13.67 -4.07
CA GLU A 41 -18.20 15.00 -4.60
C GLU A 41 -16.81 15.49 -4.16
N VAL A 42 -16.01 15.96 -5.11
CA VAL A 42 -14.62 16.33 -4.88
C VAL A 42 -14.35 17.71 -5.45
N SER A 43 -13.79 18.60 -4.63
CA SER A 43 -13.34 19.90 -5.09
C SER A 43 -11.88 20.09 -4.72
N GLY A 44 -11.25 21.08 -5.35
CA GLY A 44 -9.85 21.35 -5.08
C GLY A 44 -9.46 22.73 -5.54
N SER A 45 -8.42 23.27 -4.91
CA SER A 45 -7.81 24.53 -5.31
C SER A 45 -6.35 24.30 -5.65
N ASP A 46 -5.82 25.15 -6.52
CA ASP A 46 -4.38 25.18 -6.73
C ASP A 46 -4.01 26.48 -7.41
N LEU A 47 -2.75 26.87 -7.23
CA LEU A 47 -2.31 28.16 -7.74
C LEU A 47 -2.27 28.21 -9.26
N LYS A 48 -2.20 27.07 -9.94
CA LYS A 48 -2.13 27.11 -11.40
C LYS A 48 -2.85 25.91 -11.99
N ALA A 49 -3.56 26.15 -13.09
CA ALA A 49 -4.14 25.04 -13.83
C ALA A 49 -3.05 24.23 -14.51
N SER A 50 -3.21 22.91 -14.49
CA SER A 50 -2.31 21.99 -15.16
C SER A 50 -3.12 20.88 -15.82
N ALA A 51 -2.45 20.07 -16.63
CA ALA A 51 -3.08 18.88 -17.20
C ALA A 51 -3.59 17.94 -16.13
N VAL A 52 -3.11 18.08 -14.88
CA VAL A 52 -3.60 17.25 -13.79
C VAL A 52 -4.96 17.74 -13.32
N THR A 53 -5.08 19.04 -13.05
CA THR A 53 -6.38 19.61 -12.68
C THR A 53 -7.40 19.42 -13.81
N GLU A 54 -6.95 19.62 -15.05
CA GLU A 54 -7.81 19.41 -16.20
C GLU A 54 -8.35 18.00 -16.27
N ARG A 55 -7.49 17.00 -16.01
CA ARG A 55 -7.95 15.62 -16.00
C ARG A 55 -8.90 15.37 -14.83
N LEU A 56 -8.64 15.99 -13.68
CA LEU A 56 -9.56 15.85 -12.56
C LEU A 56 -10.90 16.50 -12.87
N GLU A 57 -10.89 17.63 -13.57
CA GLU A 57 -12.15 18.25 -13.97
C GLU A 57 -12.89 17.37 -14.97
N LYS A 58 -12.16 16.78 -15.93
CA LYS A 58 -12.80 15.86 -16.86
C LYS A 58 -13.42 14.68 -16.12
N PHE A 59 -12.92 14.35 -14.93
CA PHE A 59 -13.48 13.23 -14.17
C PHE A 59 -14.54 13.67 -13.16
N GLY A 60 -14.88 14.94 -13.09
CA GLY A 60 -15.92 15.39 -12.17
C GLY A 60 -15.49 16.28 -11.02
N ALA A 61 -14.20 16.57 -10.85
CA ALA A 61 -13.79 17.46 -9.78
C ALA A 61 -14.08 18.92 -10.15
N GLN A 62 -14.48 19.69 -9.14
CA GLN A 62 -14.57 21.14 -9.27
C GLN A 62 -13.24 21.76 -8.84
N ILE A 63 -12.64 22.55 -9.73
CA ILE A 63 -11.27 23.01 -9.56
C ILE A 63 -11.27 24.54 -9.50
N PHE A 64 -10.79 25.09 -8.39
CA PHE A 64 -10.55 26.52 -8.24
C PHE A 64 -9.08 26.81 -8.51
N ILE A 65 -8.81 27.94 -9.15
CA ILE A 65 -7.43 28.32 -9.44
C ILE A 65 -6.98 29.51 -8.60
N GLY A 66 -7.65 29.77 -7.47
CA GLY A 66 -7.15 30.70 -6.48
C GLY A 66 -7.09 30.03 -5.11
N HIS A 67 -6.55 30.76 -4.14
CA HIS A 67 -6.65 30.36 -2.74
C HIS A 67 -7.46 31.44 -2.03
N GLN A 68 -8.67 31.08 -1.60
CA GLN A 68 -9.61 32.01 -0.97
C GLN A 68 -10.58 31.18 -0.14
N ALA A 69 -11.10 31.79 0.93
CA ALA A 69 -11.96 31.06 1.85
C ALA A 69 -13.20 30.51 1.15
N GLU A 70 -13.75 31.24 0.18
CA GLU A 70 -14.94 30.82 -0.54
C GLU A 70 -14.77 29.45 -1.19
N ASN A 71 -13.54 29.04 -1.51
CA ASN A 71 -13.34 27.73 -2.13
C ASN A 71 -13.65 26.61 -1.15
N ALA A 72 -13.52 26.86 0.14
CA ALA A 72 -13.80 25.86 1.16
C ALA A 72 -15.28 25.73 1.47
N ASP A 73 -16.11 26.63 0.96
CA ASP A 73 -17.55 26.56 1.20
C ASP A 73 -18.12 25.22 0.77
N GLY A 74 -19.01 24.68 1.60
CA GLY A 74 -19.67 23.43 1.33
C GLY A 74 -18.85 22.18 1.59
N ALA A 75 -17.56 22.29 1.83
CA ALA A 75 -16.74 21.11 2.04
C ALA A 75 -17.11 20.45 3.37
N ASP A 76 -17.22 19.12 3.34
CA ASP A 76 -17.39 18.37 4.57
C ASP A 76 -16.06 18.05 5.24
N VAL A 77 -14.98 17.96 4.47
CA VAL A 77 -13.64 17.67 4.99
C VAL A 77 -12.64 18.34 4.06
N LEU A 78 -11.50 18.75 4.63
CA LEU A 78 -10.37 19.26 3.88
C LEU A 78 -9.24 18.25 3.89
N VAL A 79 -8.52 18.15 2.78
CA VAL A 79 -7.27 17.41 2.74
C VAL A 79 -6.18 18.39 2.34
N VAL A 80 -5.07 18.38 3.09
CA VAL A 80 -3.99 19.33 2.93
C VAL A 80 -2.68 18.56 2.95
N SER A 81 -1.62 19.22 2.49
CA SER A 81 -0.26 18.71 2.70
C SER A 81 0.57 19.68 3.52
N ASN A 85 0.46 24.80 5.38
CA ASN A 85 0.44 26.20 5.82
C ASN A 85 -0.89 26.55 6.49
N ARG A 86 -0.94 26.46 7.82
CA ARG A 86 -2.19 26.67 8.56
C ARG A 86 -2.70 28.10 8.48
N ALA A 87 -1.87 29.04 8.02
CA ALA A 87 -2.32 30.40 7.71
C ALA A 87 -3.04 30.50 6.38
N ASN A 88 -3.10 29.42 5.60
CA ASN A 88 -3.81 29.45 4.34
C ASN A 88 -5.30 29.66 4.59
N PRO A 89 -5.96 30.56 3.86
CA PRO A 89 -7.32 30.98 4.25
C PRO A 89 -8.37 29.90 4.12
N GLU A 90 -8.21 28.96 3.21
CA GLU A 90 -9.18 27.86 3.13
C GLU A 90 -9.14 27.01 4.39
N VAL A 91 -7.93 26.72 4.88
CA VAL A 91 -7.75 25.92 6.09
C VAL A 91 -8.28 26.66 7.30
N ALA A 92 -7.98 27.95 7.40
CA ALA A 92 -8.48 28.75 8.51
C ALA A 92 -10.01 28.80 8.52
N SER A 93 -10.60 29.09 7.36
CA SER A 93 -12.06 29.08 7.23
C SER A 93 -12.63 27.75 7.68
N ALA A 94 -11.98 26.65 7.32
CA ALA A 94 -12.43 25.34 7.77
C ALA A 94 -12.23 25.17 9.27
N LEU A 95 -11.03 25.47 9.77
CA LEU A 95 -10.76 25.33 11.19
C LEU A 95 -11.73 26.15 12.02
N GLU A 96 -11.92 27.41 11.64
CA GLU A 96 -12.88 28.27 12.35
C GLU A 96 -14.30 27.74 12.27
N ARG A 97 -14.62 26.96 11.24
CA ARG A 97 -15.95 26.38 11.09
C ARG A 97 -16.02 24.94 11.59
N ARG A 98 -14.98 24.48 12.29
CA ARG A 98 -14.86 23.12 12.82
C ARG A 98 -14.99 22.05 11.73
N ILE A 99 -14.76 22.40 10.47
CA ILE A 99 -14.66 21.39 9.43
C ILE A 99 -13.39 20.57 9.64
N PRO A 100 -13.44 19.25 9.59
CA PRO A 100 -12.24 18.46 9.83
C PRO A 100 -11.16 18.71 8.78
N VAL A 101 -9.91 18.79 9.23
CA VAL A 101 -8.75 19.05 8.39
C VAL A 101 -7.80 17.88 8.55
N VAL A 102 -7.67 17.08 7.50
CA VAL A 102 -7.01 15.77 7.52
C VAL A 102 -5.70 15.85 6.74
N PRO A 103 -4.60 15.31 7.25
CA PRO A 103 -3.39 15.27 6.42
C PRO A 103 -3.55 14.31 5.26
N ARG A 104 -2.77 14.60 4.21
CA ARG A 104 -2.81 13.81 2.98
C ARG A 104 -2.57 12.34 3.27
N ALA A 105 -1.58 12.04 4.12
CA ALA A 105 -1.28 10.64 4.43
C ALA A 105 -2.46 9.95 5.09
N GLU A 106 -3.22 10.69 5.92
CA GLU A 106 -4.37 10.09 6.60
C GLU A 106 -5.47 9.74 5.61
N MET A 107 -5.73 10.59 4.61
CA MET A 107 -6.77 10.27 3.65
C MET A 107 -6.33 9.13 2.74
N LEU A 108 -5.05 9.10 2.38
CA LEU A 108 -4.52 7.98 1.61
C LEU A 108 -4.80 6.65 2.30
N ALA A 109 -4.45 6.53 3.59
CA ALA A 109 -4.73 5.29 4.31
C ALA A 109 -6.22 4.99 4.39
N GLU A 110 -7.08 6.02 4.40
CA GLU A 110 -8.51 5.80 4.46
C GLU A 110 -9.04 5.05 3.24
N LEU A 111 -8.37 5.20 2.09
CA LEU A 111 -8.86 4.59 0.86
C LEU A 111 -8.96 3.09 0.97
N MET A 112 -8.14 2.49 1.82
CA MET A 112 -8.12 1.04 1.95
C MET A 112 -9.43 0.47 2.47
N ARG A 113 -10.25 1.28 3.14
CA ARG A 113 -11.53 0.77 3.63
C ARG A 113 -12.48 0.43 2.49
N TYR A 114 -12.32 1.05 1.33
CA TYR A 114 -13.24 0.86 0.22
C TYR A 114 -12.88 -0.32 -0.67
N ARG A 115 -11.70 -0.90 -0.49
CA ARG A 115 -11.18 -1.91 -1.40
C ARG A 115 -10.72 -3.12 -0.60
N HIS A 116 -10.25 -4.10 -1.33
CA HIS A 116 -9.59 -5.26 -0.76
C HIS A 116 -8.12 -4.88 -0.62
N GLY A 117 -7.74 -4.46 0.58
CA GLY A 117 -6.46 -3.80 0.81
C GLY A 117 -5.40 -4.81 1.19
N ILE A 118 -4.26 -4.72 0.53
CA ILE A 118 -3.07 -5.52 0.83
C ILE A 118 -2.01 -4.56 1.35
N ALA A 119 -1.73 -4.61 2.64
CA ALA A 119 -0.77 -3.72 3.29
C ALA A 119 0.59 -4.39 3.36
N VAL A 120 1.60 -3.76 2.74
CA VAL A 120 2.97 -4.31 2.70
C VAL A 120 3.78 -3.58 3.77
N ALA A 121 3.89 -4.19 4.94
CA ALA A 121 4.64 -3.60 6.03
C ALA A 121 6.01 -4.27 6.17
N GLY A 122 6.84 -3.66 7.00
CA GLY A 122 8.20 -4.12 7.20
C GLY A 122 9.10 -2.92 6.99
N THR A 123 10.22 -2.90 7.71
CA THR A 123 11.13 -1.77 7.56
C THR A 123 11.73 -1.72 6.16
N HIS A 124 12.09 -2.86 5.58
CA HIS A 124 12.76 -2.90 4.29
C HIS A 124 12.01 -3.80 3.32
N GLY A 125 12.03 -3.40 2.05
CA GLY A 125 11.43 -4.20 1.00
C GLY A 125 9.99 -3.88 0.67
N LYS A 126 9.41 -2.83 1.27
CA LYS A 126 8.02 -2.51 1.00
C LYS A 126 7.83 -2.12 -0.47
N THR A 127 8.72 -1.27 -0.98
CA THR A 127 8.58 -0.76 -2.34
C THR A 127 8.62 -1.90 -3.36
N THR A 128 9.63 -2.77 -3.26
CA THR A 128 9.73 -3.85 -4.23
C THR A 128 8.60 -4.86 -4.07
N THR A 129 8.27 -5.22 -2.83
CA THR A 129 7.24 -6.24 -2.65
C THR A 129 5.89 -5.75 -3.13
N THR A 130 5.56 -4.46 -2.92
CA THR A 130 4.32 -3.91 -3.46
C THR A 130 4.30 -3.95 -5.00
N SER A 131 5.41 -3.59 -5.64
CA SER A 131 5.46 -3.56 -7.08
C SER A 131 5.35 -4.97 -7.68
N LEU A 132 5.92 -5.96 -6.99
CA LEU A 132 5.82 -7.34 -7.44
C LEU A 132 4.38 -7.84 -7.30
N ILE A 133 3.73 -7.51 -6.20
CA ILE A 133 2.34 -7.90 -6.03
C ILE A 133 1.49 -7.28 -7.15
N ALA A 134 1.62 -5.98 -7.35
CA ALA A 134 0.95 -5.33 -8.47
C ALA A 134 1.30 -6.01 -9.79
N SER A 135 2.55 -6.45 -9.94
CA SER A 135 2.99 -7.05 -11.20
C SER A 135 2.25 -8.36 -11.46
N VAL A 136 2.16 -9.21 -10.44
CA VAL A 136 1.51 -10.52 -10.57
C VAL A 136 -0.01 -10.34 -10.72
N PHE A 137 -0.61 -9.49 -9.90
CA PHE A 137 -2.06 -9.27 -10.00
C PHE A 137 -2.45 -8.74 -11.37
N ALA A 138 -1.66 -7.83 -11.93
CA ALA A 138 -1.97 -7.37 -13.28
C ALA A 138 -1.80 -8.48 -14.29
N ALA A 139 -0.77 -9.32 -14.13
CA ALA A 139 -0.66 -10.49 -15.00
C ALA A 139 -1.91 -11.36 -14.91
N GLY A 140 -2.60 -11.34 -13.77
CA GLY A 140 -3.80 -12.12 -13.59
C GLY A 140 -5.07 -11.41 -14.01
N GLY A 141 -4.95 -10.23 -14.63
CA GLY A 141 -6.08 -9.54 -15.20
C GLY A 141 -6.74 -8.54 -14.29
N LEU A 142 -6.14 -8.24 -13.14
CA LEU A 142 -6.85 -7.58 -12.06
C LEU A 142 -6.63 -6.08 -11.99
N ASP A 143 -5.66 -5.55 -12.76
CA ASP A 143 -5.36 -4.13 -12.87
C ASP A 143 -5.37 -3.37 -11.53
N PRO A 144 -4.62 -3.81 -10.53
CA PRO A 144 -4.73 -3.20 -9.19
C PRO A 144 -4.21 -1.77 -9.15
N THR A 145 -4.72 -1.03 -8.18
CA THR A 145 -4.12 0.24 -7.81
C THR A 145 -3.14 0.01 -6.66
N PHE A 146 -2.01 0.68 -6.71
CA PHE A 146 -1.00 0.49 -5.68
C PHE A 146 -0.32 1.81 -5.37
N VAL A 147 0.27 1.87 -4.17
CA VAL A 147 0.86 3.09 -3.62
C VAL A 147 2.33 2.82 -3.31
N ILE A 148 3.22 3.47 -4.06
CA ILE A 148 4.64 3.54 -3.73
C ILE A 148 4.95 5.00 -3.41
N GLY A 149 5.79 5.19 -2.40
CA GLY A 149 6.25 6.53 -2.05
C GLY A 149 5.14 7.54 -1.89
N GLY A 150 4.00 7.12 -1.38
CA GLY A 150 2.88 8.03 -1.23
C GLY A 150 2.12 8.38 -2.49
N ARG A 151 2.45 7.78 -3.64
CA ARG A 151 1.79 8.06 -4.91
C ARG A 151 0.88 6.91 -5.30
N LEU A 152 -0.38 7.22 -5.61
CA LEU A 152 -1.28 6.21 -6.16
C LEU A 152 -0.89 5.88 -7.59
N ASN A 153 -0.93 4.59 -7.92
CA ASN A 153 -0.46 4.12 -9.21
C ASN A 153 -1.34 2.99 -9.73
N ALA A 154 -1.31 2.77 -11.04
CA ALA A 154 -2.07 1.67 -11.65
C ALA A 154 -1.46 1.43 -13.04
N ALA A 155 -0.40 0.63 -13.07
CA ALA A 155 0.42 0.46 -14.26
C ALA A 155 -0.42 0.19 -15.49
N GLY A 156 -0.30 1.07 -16.49
CA GLY A 156 -0.97 0.87 -17.76
C GLY A 156 -2.49 0.86 -17.72
N THR A 157 -3.07 1.24 -16.59
CA THR A 157 -4.53 1.21 -16.47
C THR A 157 -5.17 2.12 -17.51
N ASN A 158 -6.37 1.72 -17.95
CA ASN A 158 -7.21 2.55 -18.79
C ASN A 158 -8.34 3.23 -18.00
N ALA A 159 -8.25 3.24 -16.68
CA ALA A 159 -9.35 3.63 -15.82
C ALA A 159 -8.87 4.62 -14.76
N GLN A 160 -9.85 5.25 -14.12
CA GLN A 160 -9.56 6.04 -12.93
C GLN A 160 -8.87 5.20 -11.87
N LEU A 161 -7.94 5.82 -11.14
CA LEU A 161 -7.33 5.16 -10.00
C LEU A 161 -8.41 4.67 -9.05
N GLY A 162 -8.24 3.45 -8.55
CA GLY A 162 -9.21 2.84 -7.67
C GLY A 162 -10.25 1.97 -8.34
N ALA A 163 -10.24 1.89 -9.68
CA ALA A 163 -11.22 1.06 -10.36
C ALA A 163 -11.16 -0.40 -9.90
N SER A 164 -9.96 -0.92 -9.73
CA SER A 164 -9.79 -2.31 -9.34
C SER A 164 -10.40 -2.57 -7.96
N ARG A 165 -10.82 -3.83 -7.75
CA ARG A 165 -11.20 -4.25 -6.41
C ARG A 165 -10.03 -4.20 -5.43
N TYR A 166 -8.79 -4.23 -5.93
CA TYR A 166 -7.63 -4.41 -5.08
C TYR A 166 -6.82 -3.13 -4.94
N LEU A 167 -6.32 -2.90 -3.73
CA LEU A 167 -5.45 -1.76 -3.42
C LEU A 167 -4.25 -2.27 -2.62
N VAL A 168 -3.07 -2.27 -3.23
CA VAL A 168 -1.83 -2.71 -2.58
C VAL A 168 -1.04 -1.50 -2.11
N ALA A 169 -0.66 -1.45 -0.84
CA ALA A 169 0.01 -0.25 -0.36
C ALA A 169 1.12 -0.56 0.64
N GLU A 170 2.23 0.17 0.50
CA GLU A 170 3.22 0.23 1.57
C GLU A 170 2.55 0.70 2.85
N ALA A 171 3.03 0.16 3.97
CA ALA A 171 2.53 0.51 5.29
C ALA A 171 3.77 0.84 6.12
N ASP A 172 4.07 2.13 6.24
CA ASP A 172 5.29 2.58 6.89
C ASP A 172 5.04 2.73 8.38
N GLU A 173 5.87 2.10 9.21
CA GLU A 173 5.70 2.20 10.65
C GLU A 173 6.13 3.55 11.20
N SER A 174 6.83 4.36 10.43
CA SER A 174 7.11 5.72 10.87
C SER A 174 5.98 6.68 10.51
N ASP A 175 5.00 6.20 9.76
CA ASP A 175 3.88 7.02 9.34
C ASP A 175 2.85 7.12 10.46
N ALA A 176 2.33 8.34 10.66
CA ALA A 176 1.37 8.59 11.74
C ALA A 176 0.11 7.75 11.59
N SER A 177 -0.22 7.31 10.36
CA SER A 177 -1.44 6.58 10.06
C SER A 177 -1.26 5.07 10.06
N PHE A 178 -0.03 4.59 10.32
CA PHE A 178 0.29 3.17 10.33
C PHE A 178 -0.77 2.30 11.00
N LEU A 179 -1.22 2.69 12.19
CA LEU A 179 -2.13 1.86 12.97
C LEU A 179 -3.59 2.10 12.63
N HIS A 180 -3.88 2.91 11.61
CA HIS A 180 -5.25 3.10 11.15
C HIS A 180 -5.45 2.54 9.76
N LEU A 181 -4.53 1.71 9.28
CA LEU A 181 -4.81 0.94 8.09
C LEU A 181 -5.82 -0.14 8.41
N GLN A 182 -6.71 -0.42 7.47
CA GLN A 182 -7.68 -1.49 7.60
C GLN A 182 -7.52 -2.44 6.42
N PRO A 183 -6.46 -3.22 6.40
CA PRO A 183 -6.22 -4.12 5.28
C PRO A 183 -6.96 -5.44 5.48
N MET A 184 -7.14 -6.17 4.36
CA MET A 184 -7.58 -7.57 4.43
C MET A 184 -6.40 -8.52 4.60
N VAL A 185 -5.25 -8.14 4.09
CA VAL A 185 -4.05 -8.96 4.09
C VAL A 185 -2.88 -8.04 4.40
N ALA A 186 -1.94 -8.53 5.20
CA ALA A 186 -0.79 -7.73 5.61
C ALA A 186 0.46 -8.56 5.54
N VAL A 187 1.49 -8.00 4.93
CA VAL A 187 2.82 -8.58 4.89
C VAL A 187 3.69 -7.87 5.91
N VAL A 188 4.52 -8.61 6.62
CA VAL A 188 5.62 -8.05 7.37
C VAL A 188 6.91 -8.70 6.86
N THR A 189 7.66 -7.94 6.05
CA THR A 189 8.92 -8.42 5.48
C THR A 189 9.99 -8.63 6.54
N ASN A 190 10.05 -7.74 7.53
CA ASN A 190 11.13 -7.71 8.50
C ASN A 190 10.82 -6.55 9.45
N ILE A 191 11.51 -6.52 10.59
CA ILE A 191 11.30 -5.47 11.59
C ILE A 191 12.66 -4.99 12.06
N ASP A 192 13.05 -3.78 11.64
CA ASP A 192 14.32 -3.16 11.94
C ASP A 192 14.08 -1.98 12.87
N ALA A 193 15.16 -1.32 13.29
CA ALA A 193 15.14 -0.29 14.30
C ALA A 193 15.25 1.12 13.73
N ASP A 194 15.22 1.27 12.40
CA ASP A 194 15.32 2.59 11.75
C ASP A 194 14.49 3.65 12.45
N HIS A 195 13.23 3.33 12.77
CA HIS A 195 12.24 4.31 13.23
C HIS A 195 11.93 4.18 14.72
N MET A 196 12.92 3.77 15.51
CA MET A 196 12.77 3.77 16.96
C MET A 196 12.32 5.13 17.48
N ALA A 197 12.82 6.22 16.88
CA ALA A 197 12.50 7.57 17.33
C ALA A 197 11.01 7.90 17.17
N THR A 198 10.32 7.23 16.26
CA THR A 198 8.86 7.37 16.19
C THR A 198 8.21 6.81 17.43
N TYR A 199 8.87 5.87 18.08
CA TYR A 199 8.27 5.16 19.20
C TYR A 199 9.09 5.38 20.47
N GLY A 200 9.45 6.63 20.73
CA GLY A 200 10.13 6.96 21.96
C GLY A 200 11.56 6.49 22.04
N GLY A 201 12.14 6.02 20.93
CA GLY A 201 13.50 5.54 20.92
C GLY A 201 13.68 4.14 21.48
N ASP A 202 12.64 3.32 21.41
CA ASP A 202 12.61 2.04 22.12
C ASP A 202 12.19 0.97 21.12
N PHE A 203 13.10 0.04 20.81
CA PHE A 203 12.78 -1.00 19.83
C PHE A 203 11.64 -1.90 20.31
N ASN A 204 11.55 -2.12 21.62
CA ASN A 204 10.48 -2.96 22.16
C ASN A 204 9.11 -2.31 21.97
N LYS A 205 9.04 -0.99 22.16
CA LYS A 205 7.83 -0.27 21.79
C LYS A 205 7.56 -0.42 20.30
N LEU A 206 8.62 -0.46 19.48
CA LEU A 206 8.41 -0.60 18.05
C LEU A 206 7.85 -1.97 17.71
N LYS A 207 8.33 -3.04 18.37
CA LYS A 207 7.79 -4.38 18.10
C LYS A 207 6.32 -4.49 18.48
N LYS A 208 5.94 -3.88 19.61
CA LYS A 208 4.54 -3.94 20.06
C LYS A 208 3.61 -3.30 19.05
N THR A 209 4.10 -2.28 18.31
CA THR A 209 3.26 -1.65 17.31
C THR A 209 2.96 -2.58 16.13
N PHE A 210 3.95 -3.37 15.69
CA PHE A 210 3.71 -4.34 14.63
C PHE A 210 2.71 -5.40 15.06
N VAL A 211 2.70 -5.74 16.35
CA VAL A 211 1.71 -6.69 16.85
C VAL A 211 0.33 -6.07 16.79
N GLU A 212 0.22 -4.81 17.18
CA GLU A 212 -1.06 -4.12 17.11
C GLU A 212 -1.50 -3.92 15.67
N PHE A 213 -0.54 -3.65 14.78
CA PHE A 213 -0.86 -3.44 13.38
C PHE A 213 -1.53 -4.68 12.77
N LEU A 214 -0.89 -5.85 12.92
CA LEU A 214 -1.48 -7.11 12.44
C LEU A 214 -2.82 -7.42 13.11
N HIS A 215 -3.09 -6.85 14.27
CA HIS A 215 -4.40 -7.09 14.86
C HIS A 215 -5.45 -6.13 14.33
N ASN A 216 -5.09 -5.21 13.43
CA ASN A 216 -6.11 -4.50 12.68
C ASN A 216 -6.74 -5.36 11.60
N LEU A 217 -6.16 -6.53 11.32
CA LEU A 217 -6.76 -7.46 10.39
C LEU A 217 -8.08 -7.99 10.94
N PRO A 218 -9.07 -8.21 10.09
CA PRO A 218 -10.25 -8.96 10.54
C PRO A 218 -9.84 -10.39 10.87
N PHE A 219 -10.69 -11.07 11.64
CA PHE A 219 -10.34 -12.42 12.05
C PHE A 219 -10.20 -13.35 10.86
N TYR A 220 -10.88 -13.06 9.75
CA TYR A 220 -10.73 -13.83 8.52
C TYR A 220 -9.61 -13.31 7.65
N GLY A 221 -8.87 -12.29 8.09
CA GLY A 221 -7.80 -11.75 7.30
C GLY A 221 -6.63 -12.71 7.27
N LEU A 222 -5.52 -12.24 6.73
CA LEU A 222 -4.33 -13.06 6.60
C LEU A 222 -3.07 -12.24 6.85
N ALA A 223 -2.20 -12.73 7.73
CA ALA A 223 -0.91 -12.10 8.00
C ALA A 223 0.20 -12.93 7.36
N VAL A 224 1.00 -12.31 6.51
CA VAL A 224 2.10 -12.97 5.80
C VAL A 224 3.41 -12.53 6.45
N MET A 225 4.08 -13.47 7.13
CA MET A 225 5.19 -13.18 8.05
C MET A 225 6.49 -13.82 7.57
N CYS A 226 7.54 -13.02 7.49
CA CYS A 226 8.85 -13.53 7.10
C CYS A 226 9.55 -14.07 8.35
N VAL A 227 9.55 -15.39 8.53
CA VAL A 227 10.17 -15.98 9.71
C VAL A 227 11.68 -16.08 9.60
N ASP A 228 12.29 -15.62 8.50
CA ASP A 228 13.74 -15.47 8.45
C ASP A 228 14.20 -14.28 9.26
N ASP A 229 13.31 -13.32 9.51
CA ASP A 229 13.61 -12.21 10.37
C ASP A 229 13.44 -12.66 11.81
N PRO A 230 14.47 -12.56 12.65
CA PRO A 230 14.32 -13.05 14.02
C PRO A 230 13.29 -12.27 14.82
N VAL A 231 13.05 -11.01 14.45
CA VAL A 231 12.10 -10.22 15.21
C VAL A 231 10.67 -10.55 14.77
N VAL A 232 10.44 -10.77 13.47
CA VAL A 232 9.16 -11.29 13.02
C VAL A 232 8.89 -12.64 13.69
N ARG A 233 9.91 -13.51 13.73
CA ARG A 233 9.72 -14.85 14.28
C ARG A 233 9.35 -14.80 15.75
N GLU A 234 9.83 -13.78 16.46
CA GLU A 234 9.59 -13.67 17.90
C GLU A 234 8.14 -13.28 18.19
N ILE A 235 7.55 -12.40 17.38
CA ILE A 235 6.20 -11.94 17.65
C ILE A 235 5.15 -12.82 17.02
N LEU A 236 5.54 -13.69 16.10
CA LEU A 236 4.60 -14.59 15.42
C LEU A 236 3.64 -15.28 16.37
N PRO A 237 4.05 -15.89 17.48
CA PRO A 237 3.08 -16.56 18.35
C PRO A 237 2.08 -15.62 19.02
N GLN A 238 2.18 -14.31 18.83
CA GLN A 238 1.23 -13.39 19.44
C GLN A 238 0.08 -13.03 18.51
N ILE A 239 0.13 -13.48 17.26
CA ILE A 239 -0.75 -13.00 16.22
C ILE A 239 -2.01 -13.88 16.21
N ALA A 240 -3.10 -13.37 16.82
CA ALA A 240 -4.36 -14.08 16.79
C ALA A 240 -5.09 -13.94 15.45
N ARG A 241 -4.38 -14.04 14.35
CA ARG A 241 -4.93 -13.97 13.01
C ARG A 241 -4.35 -15.11 12.20
N PRO A 242 -5.03 -15.52 11.12
CA PRO A 242 -4.46 -16.54 10.25
C PRO A 242 -3.13 -16.06 9.67
N THR A 243 -2.15 -16.96 9.65
CA THR A 243 -0.81 -16.60 9.21
C THR A 243 -0.26 -17.63 8.23
N VAL A 244 0.44 -17.14 7.20
CA VAL A 244 1.35 -17.95 6.40
C VAL A 244 2.75 -17.38 6.58
N THR A 245 3.69 -18.23 6.96
CA THR A 245 5.08 -17.85 7.11
C THR A 245 5.86 -18.19 5.84
N TYR A 246 6.92 -17.43 5.59
CA TYR A 246 7.74 -17.63 4.41
C TYR A 246 9.19 -17.27 4.71
N GLY A 247 10.08 -17.84 3.92
CA GLY A 247 11.49 -17.57 4.02
C GLY A 247 12.28 -18.76 3.54
N LEU A 248 13.59 -18.68 3.71
CA LEU A 248 14.46 -19.82 3.45
C LEU A 248 14.51 -20.80 4.62
N SER A 249 14.00 -20.40 5.80
CA SER A 249 14.03 -21.27 6.98
C SER A 249 13.35 -22.60 6.67
N GLU A 250 13.96 -23.69 7.15
CA GLU A 250 13.37 -25.01 6.92
C GLU A 250 11.92 -25.06 7.36
N ASP A 251 11.54 -24.29 8.39
CA ASP A 251 10.20 -24.34 8.98
C ASP A 251 9.24 -23.29 8.42
N ALA A 252 9.58 -22.62 7.33
CA ALA A 252 8.62 -21.71 6.72
C ALA A 252 7.55 -22.50 5.98
N ASP A 253 6.32 -22.01 6.02
CA ASP A 253 5.25 -22.61 5.24
C ASP A 253 5.55 -22.55 3.75
N VAL A 254 6.00 -21.39 3.27
CA VAL A 254 6.30 -21.17 1.87
C VAL A 254 7.80 -20.87 1.78
N ARG A 255 8.54 -21.76 1.12
CA ARG A 255 10.00 -21.69 1.08
C ARG A 255 10.54 -21.58 -0.35
N ALA A 256 11.74 -21.02 -0.44
CA ALA A 256 12.55 -21.02 -1.65
C ALA A 256 13.67 -22.04 -1.49
N ILE A 257 13.82 -22.95 -2.44
CA ILE A 257 14.93 -23.89 -2.41
C ILE A 257 15.64 -23.85 -3.76
N ASN A 258 16.83 -24.45 -3.78
CA ASN A 258 17.62 -24.58 -5.00
C ASN A 258 17.75 -23.24 -5.73
N ILE A 259 18.23 -22.24 -5.00
CA ILE A 259 18.48 -20.93 -5.58
C ILE A 259 19.67 -21.02 -6.53
N ARG A 260 19.52 -20.43 -7.71
CA ARG A 260 20.50 -20.54 -8.79
C ARG A 260 20.45 -19.26 -9.59
N GLN A 261 21.43 -19.07 -10.45
CA GLN A 261 21.52 -17.87 -11.27
C GLN A 261 21.71 -18.27 -12.73
N GLU A 262 20.96 -17.63 -13.63
CA GLU A 262 21.15 -17.75 -15.08
C GLU A 262 21.16 -16.33 -15.65
N GLY A 263 22.37 -15.81 -15.92
CA GLY A 263 22.52 -14.43 -16.38
C GLY A 263 22.28 -13.42 -15.27
N MET A 264 21.58 -12.32 -15.60
CA MET A 264 21.15 -11.34 -14.62
C MET A 264 19.84 -11.73 -13.96
N ARG A 265 19.51 -13.02 -13.99
CA ARG A 265 18.24 -13.54 -13.52
C ARG A 265 18.47 -14.58 -12.43
N THR A 266 17.63 -14.56 -11.41
CA THR A 266 17.71 -15.49 -10.30
C THR A 266 16.56 -16.49 -10.35
N TRP A 267 16.91 -17.78 -10.32
CA TRP A 267 15.93 -18.86 -10.35
C TRP A 267 15.81 -19.51 -8.98
N PHE A 268 14.60 -19.93 -8.64
CA PHE A 268 14.45 -20.76 -7.44
C PHE A 268 13.13 -21.51 -7.54
N THR A 269 13.03 -22.55 -6.73
CA THR A 269 11.85 -23.39 -6.63
C THR A 269 11.08 -23.02 -5.37
N VAL A 270 9.79 -22.73 -5.52
CA VAL A 270 8.93 -22.32 -4.40
C VAL A 270 8.14 -23.52 -3.93
N LEU A 271 8.29 -23.85 -2.65
CA LEU A 271 7.49 -24.89 -2.03
C LEU A 271 6.31 -24.23 -1.35
N ARG A 272 5.13 -24.84 -1.51
CA ARG A 272 3.86 -24.34 -0.99
C ARG A 272 3.08 -25.54 -0.47
N PRO A 273 2.41 -25.40 0.66
CA PRO A 273 1.64 -26.53 1.20
C PRO A 273 0.57 -26.98 0.21
N GLU A 274 0.45 -28.29 0.06
CA GLU A 274 -0.49 -28.96 -0.85
C GLU A 274 -0.38 -28.49 -2.31
N ARG A 275 0.77 -27.99 -2.74
CA ARG A 275 1.02 -27.67 -4.14
C ARG A 275 2.29 -28.33 -4.64
N GLU A 276 2.35 -28.57 -5.95
CA GLU A 276 3.60 -29.03 -6.53
C GLU A 276 4.60 -27.88 -6.52
N PRO A 277 5.89 -28.19 -6.47
CA PRO A 277 6.90 -27.13 -6.52
C PRO A 277 6.85 -26.38 -7.84
N LEU A 278 7.00 -25.06 -7.75
CA LEU A 278 6.87 -24.16 -8.87
C LEU A 278 8.17 -23.41 -9.08
N ASP A 279 8.78 -23.61 -10.23
CA ASP A 279 9.98 -22.87 -10.59
C ASP A 279 9.61 -21.46 -11.01
N VAL A 280 10.16 -20.45 -10.32
CA VAL A 280 9.98 -19.06 -10.70
C VAL A 280 11.33 -18.43 -10.96
N SER A 281 11.32 -17.16 -11.39
CA SER A 281 12.55 -16.43 -11.67
C SER A 281 12.24 -14.95 -11.57
N VAL A 282 13.25 -14.17 -11.16
CA VAL A 282 13.10 -12.73 -11.08
C VAL A 282 14.39 -12.07 -11.55
N ASN A 283 14.25 -10.87 -12.10
CA ASN A 283 15.34 -10.17 -12.76
C ASN A 283 16.17 -9.34 -11.82
N MET A 284 16.10 -9.61 -10.53
CA MET A 284 16.80 -8.78 -9.58
C MET A 284 17.59 -9.69 -8.64
N PRO A 285 18.85 -9.36 -8.38
CA PRO A 285 19.69 -10.22 -7.54
C PRO A 285 19.46 -9.98 -6.06
N GLY A 286 19.88 -10.95 -5.27
CA GLY A 286 19.94 -10.87 -3.83
C GLY A 286 18.88 -11.72 -3.17
N LEU A 287 19.24 -12.32 -2.03
CA LEU A 287 18.25 -13.08 -1.27
C LEU A 287 17.04 -12.21 -0.90
N HIS A 288 17.24 -10.90 -0.78
CA HIS A 288 16.11 -10.06 -0.38
C HIS A 288 15.02 -10.05 -1.45
N ASN A 289 15.41 -10.06 -2.73
CA ASN A 289 14.38 -10.15 -3.77
C ASN A 289 13.81 -11.56 -3.90
N VAL A 290 14.57 -12.59 -3.53
CA VAL A 290 13.96 -13.90 -3.35
C VAL A 290 12.83 -13.78 -2.32
N LEU A 291 13.11 -13.11 -1.20
CA LEU A 291 12.10 -12.99 -0.14
C LEU A 291 10.94 -12.09 -0.57
N ASN A 292 11.22 -10.99 -1.27
CA ASN A 292 10.14 -10.19 -1.83
C ASN A 292 9.25 -11.04 -2.72
N SER A 293 9.85 -11.93 -3.50
CA SER A 293 9.08 -12.79 -4.40
C SER A 293 8.32 -13.86 -3.63
N LEU A 294 8.90 -14.37 -2.54
CA LEU A 294 8.16 -15.32 -1.71
C LEU A 294 6.93 -14.66 -1.12
N ALA A 295 7.08 -13.46 -0.55
CA ALA A 295 5.94 -12.73 0.00
C ALA A 295 4.85 -12.54 -1.07
N THR A 296 5.25 -12.06 -2.26
CA THR A 296 4.32 -11.93 -3.36
C THR A 296 3.66 -13.26 -3.70
N ILE A 297 4.44 -14.35 -3.72
CA ILE A 297 3.86 -15.64 -4.06
C ILE A 297 2.84 -16.08 -3.02
N VAL A 298 3.08 -15.75 -1.74
CA VAL A 298 2.10 -16.09 -0.69
C VAL A 298 0.78 -15.35 -0.94
N ILE A 299 0.87 -14.04 -1.20
CA ILE A 299 -0.31 -13.21 -1.44
C ILE A 299 -1.07 -13.73 -2.66
N ALA A 300 -0.37 -13.84 -3.80
CA ALA A 300 -1.00 -14.30 -5.02
C ALA A 300 -1.68 -15.65 -4.82
N THR A 301 -0.99 -16.59 -4.17
CA THR A 301 -1.58 -17.92 -3.99
C THR A 301 -2.83 -17.83 -3.11
N ASP A 302 -2.75 -17.13 -1.98
CA ASP A 302 -3.92 -17.05 -1.13
C ASP A 302 -5.11 -16.45 -1.87
N GLU A 303 -4.85 -15.54 -2.81
CA GLU A 303 -5.91 -14.86 -3.52
C GLU A 303 -6.51 -15.71 -4.64
N GLY A 304 -5.84 -16.79 -5.03
CA GLY A 304 -6.35 -17.69 -6.06
C GLY A 304 -5.75 -17.51 -7.44
N ILE A 305 -4.64 -16.80 -7.55
CA ILE A 305 -4.04 -16.50 -8.83
C ILE A 305 -3.23 -17.70 -9.34
N SER A 306 -3.28 -17.92 -10.65
CA SER A 306 -2.70 -19.10 -11.27
C SER A 306 -1.17 -19.02 -11.26
N ASP A 307 -0.54 -20.17 -11.53
CA ASP A 307 0.91 -20.18 -11.60
C ASP A 307 1.40 -19.35 -12.78
N GLU A 308 0.65 -19.37 -13.90
CA GLU A 308 1.08 -18.62 -15.07
C GLU A 308 1.21 -17.13 -14.76
N ALA A 309 0.21 -16.57 -14.09
CA ALA A 309 0.27 -15.17 -13.70
C ALA A 309 1.41 -14.91 -12.72
N ILE A 310 1.58 -15.80 -11.74
CA ILE A 310 2.70 -15.67 -10.81
C ILE A 310 4.02 -15.68 -11.56
N VAL A 311 4.23 -16.72 -12.38
CA VAL A 311 5.46 -16.85 -13.14
C VAL A 311 5.66 -15.64 -14.04
N GLN A 312 4.60 -15.25 -14.76
CA GLN A 312 4.73 -14.12 -15.66
C GLN A 312 4.92 -12.83 -14.88
N GLY A 313 4.13 -12.62 -13.84
CA GLY A 313 4.25 -11.41 -13.06
C GLY A 313 5.64 -11.21 -12.48
N LEU A 314 6.28 -12.30 -12.05
CA LEU A 314 7.58 -12.16 -11.41
C LEU A 314 8.67 -11.92 -12.43
N SER A 315 8.60 -12.59 -13.57
CA SER A 315 9.66 -12.44 -14.56
C SER A 315 9.45 -11.24 -15.46
N GLY A 316 8.36 -10.51 -15.31
CA GLY A 316 8.13 -9.37 -16.16
C GLY A 316 8.71 -8.11 -15.58
N PHE A 317 9.02 -8.15 -14.29
CA PHE A 317 9.32 -6.95 -13.52
C PHE A 317 10.80 -6.59 -13.57
N GLN A 318 11.06 -5.28 -13.73
CA GLN A 318 12.42 -4.73 -13.74
C GLN A 318 12.54 -3.51 -12.82
C1 EDO B . -6.26 6.24 -17.99
O1 EDO B . -5.48 7.45 -18.04
C2 EDO B . -7.69 6.55 -17.54
O2 EDO B . -8.52 6.95 -18.64
C1 EDO C . 6.29 -22.13 13.02
O1 EDO C . 7.12 -22.11 14.22
C2 EDO C . 6.96 -21.30 11.93
O2 EDO C . 6.53 -21.72 10.62
C1 EDO D . 7.22 -27.76 2.75
O1 EDO D . 8.05 -26.74 3.32
C2 EDO D . 6.05 -27.13 2.00
O2 EDO D . 5.65 -25.96 2.75
C12 T4L E . 15.62 -4.44 0.66
C18 T4L E . 16.93 -2.66 -0.44
C19 T4L E . 18.85 -11.43 2.86
C20 T4L E . 18.25 -12.51 3.77
C21 T4L E . 18.05 -10.11 2.94
C22 T4L E . 17.91 -9.53 4.38
C25 T4L E . 16.97 -8.29 4.39
C27 T4L E . 17.58 -7.01 5.04
C01 T4L E . 13.51 -8.00 2.36
C03 T4L E . 14.61 -8.73 4.29
C05 T4L E . 11.26 -9.39 2.09
C06 T4L E . 12.50 -8.94 2.64
C07 T4L E . 12.68 -9.73 3.80
C10 T4L E . 16.68 -3.39 0.90
C13 T4L E . 15.13 -5.42 1.50
C14 T4L E . 14.15 -6.13 0.73
C17 T4L E . 17.97 -4.00 1.48
C23 T4L E . 17.44 -10.66 5.35
C24 T4L E . 18.24 -11.99 5.23
N02 T4L E . 14.54 -7.92 3.19
N04 T4L E . 13.71 -9.66 4.64
N08 T4L E . 11.62 -10.56 3.87
N09 T4L E . 10.74 -10.35 2.80
N11 T4L E . 14.95 -4.57 -0.52
N15 T4L E . 14.03 -5.62 -0.49
N16 T4L E . 13.40 -7.21 1.25
N26 T4L E . 15.69 -8.57 5.03
O28 T4L E . 17.59 -5.91 4.12
S SO4 F . 11.61 -0.02 1.50
O1 SO4 F . 12.80 -0.87 1.27
O2 SO4 F . 12.04 1.33 1.88
O3 SO4 F . 10.80 0.08 0.27
O4 SO4 F . 10.81 -0.60 2.61
S SO4 G . 17.40 -4.15 -6.25
O1 SO4 G . 18.13 -5.23 -5.57
O2 SO4 G . 18.12 -2.88 -6.05
O3 SO4 G . 17.31 -4.44 -7.69
O4 SO4 G . 16.05 -4.04 -5.68
#